data_3KI9
#
_entry.id   3KI9
#
_cell.length_a   158.150
_cell.length_b   158.150
_cell.length_c   158.150
_cell.angle_alpha   90.00
_cell.angle_beta   90.00
_cell.angle_gamma   90.00
#
_symmetry.space_group_name_H-M   'I 2 3'
#
loop_
_entity.id
_entity.type
_entity.pdbx_description
1 polymer 'Putative dipeptidase SACOL1801'
2 non-polymer 'MANGANESE (II) ION'
3 non-polymer 'PHOSPHATE ION'
4 water water
#
_entity_poly.entity_id   1
_entity_poly.type   'polypeptide(L)'
_entity_poly.pdbx_seq_one_letter_code
;MGSSHHHHHHSSGLVPRGSHMASMWKEKVQQYEDQIINDLKGLLAIESVRDDAKASEDAPVGPGPRKALDYMYEIAHRDG
FTTHDVDHIAGRIEAGKGNDVLGILCHVDVVPAGDGWDSNPFEPVVTEDAIIARGTLDDKGPTIAAYYAIKILEDMNVDW
KKRIHMIIGTDEESDWKCTDRYFKTEEMPTLGFAPDAEFPCIHGEKGITTFDLVQNKLTEDQDEPDYELITFKSGERYNM
VPDHAEARVLVKENMTDVIQDFEYFLEQNHLQGDSTVDSGILVLTVEGKAVHGMDPSIGVNAGLYLLKFLASLNLDNNAQ
AFVAFSNRYLFNSDFGEKMGMKFHTDVMGDVTTNIGVITYDNENAGLFGINLRYPEGFEFEKAMDRFANEIQQYGFEVKL
GKVQPPHYVDKNDPFVQKLVTAYRNQTNDMTEPYTIGGGTYARNLDKGVAFGAMFSDSEDLMHQKNEYITKKQLFNATSI
YLEAIYSLCVEE
;
_entity_poly.pdbx_strand_id   A
#
# COMPACT_ATOMS: atom_id res chain seq x y z
N SER A 23 5.11 31.75 9.31
CA SER A 23 4.33 32.30 8.16
C SER A 23 2.85 32.45 8.52
N MET A 24 2.12 33.22 7.72
CA MET A 24 0.70 33.42 7.95
C MET A 24 -0.03 32.08 8.08
N TRP A 25 0.37 31.12 7.25
CA TRP A 25 -0.34 29.85 7.15
C TRP A 25 -0.09 28.94 8.34
N LYS A 26 1.17 28.76 8.72
CA LYS A 26 1.51 27.89 9.83
C LYS A 26 0.80 28.32 11.11
N GLU A 27 0.78 29.62 11.37
CA GLU A 27 0.11 30.13 12.55
C GLU A 27 -1.38 29.79 12.49
N LYS A 28 -2.01 30.10 11.37
CA LYS A 28 -3.42 29.80 11.18
C LYS A 28 -3.67 28.35 11.58
N VAL A 29 -2.95 27.44 10.95
CA VAL A 29 -3.12 26.01 11.21
C VAL A 29 -3.02 25.68 12.69
N GLN A 30 -1.93 26.07 13.33
CA GLN A 30 -1.72 25.75 14.75
C GLN A 30 -3.04 26.00 15.48
N GLN A 31 -3.82 26.96 14.99
CA GLN A 31 -5.02 27.38 15.68
C GLN A 31 -6.08 26.28 15.64
N TYR A 32 -5.82 25.23 14.86
CA TYR A 32 -6.74 24.10 14.69
C TYR A 32 -6.12 22.79 15.17
N GLU A 33 -4.89 22.87 15.68
CA GLU A 33 -4.18 21.65 16.01
C GLU A 33 -5.05 20.63 16.72
N ASP A 34 -5.89 21.09 17.63
CA ASP A 34 -6.70 20.16 18.43
C ASP A 34 -7.87 19.54 17.67
N GLN A 35 -8.45 20.29 16.75
CA GLN A 35 -9.52 19.75 15.96
C GLN A 35 -8.97 18.67 15.06
N ILE A 36 -7.84 18.91 14.46
CA ILE A 36 -7.26 17.93 13.59
C ILE A 36 -6.92 16.66 14.29
N ILE A 37 -6.39 16.75 15.48
CA ILE A 37 -6.05 15.54 16.14
C ILE A 37 -7.26 14.75 16.45
N ASN A 38 -8.28 15.39 16.93
CA ASN A 38 -9.54 14.68 17.22
C ASN A 38 -10.17 13.99 16.03
N ASP A 39 -10.37 14.73 14.94
CA ASP A 39 -10.96 14.14 13.75
C ASP A 39 -10.13 12.96 13.27
N LEU A 40 -8.82 13.14 13.19
CA LEU A 40 -7.95 12.05 12.75
C LEU A 40 -8.17 10.81 13.62
N LYS A 41 -8.06 10.99 14.93
CA LYS A 41 -8.29 9.92 15.89
C LYS A 41 -9.55 9.12 15.54
N GLY A 42 -10.68 9.81 15.50
CA GLY A 42 -11.92 9.20 15.11
C GLY A 42 -11.73 8.28 13.93
N LEU A 43 -11.08 8.77 12.89
CA LEU A 43 -10.94 8.04 11.62
C LEU A 43 -9.94 6.90 11.71
N LEU A 44 -8.89 7.09 12.52
CA LEU A 44 -7.93 6.03 12.77
C LEU A 44 -8.58 4.87 13.54
N ALA A 45 -9.55 5.18 14.38
CA ALA A 45 -10.19 4.18 15.24
C ALA A 45 -11.08 3.18 14.48
N ILE A 46 -11.31 3.42 13.22
CA ILE A 46 -12.17 2.60 12.43
C ILE A 46 -11.40 1.56 11.69
N GLU A 47 -11.64 0.31 11.93
CA GLU A 47 -10.83 -0.71 11.28
C GLU A 47 -11.30 -0.91 9.84
N SER A 48 -10.94 0.02 8.96
CA SER A 48 -11.39 -0.03 7.58
C SER A 48 -10.46 -0.89 6.72
N VAL A 49 -10.33 -2.15 7.10
CA VAL A 49 -9.59 -3.11 6.31
C VAL A 49 -10.62 -3.89 5.51
N ARG A 50 -10.35 -4.11 4.22
CA ARG A 50 -11.27 -4.85 3.38
C ARG A 50 -11.53 -6.25 3.93
N ASP A 51 -12.77 -6.69 3.82
CA ASP A 51 -13.15 -8.02 4.27
C ASP A 51 -14.28 -8.52 3.41
N ASP A 52 -13.95 -9.41 2.48
CA ASP A 52 -14.91 -9.84 1.46
C ASP A 52 -15.94 -10.80 2.03
N ALA A 53 -15.63 -11.36 3.19
CA ALA A 53 -16.56 -12.27 3.85
C ALA A 53 -17.82 -11.51 4.36
N LYS A 54 -17.70 -10.19 4.52
CA LYS A 54 -18.83 -9.39 4.96
C LYS A 54 -19.31 -8.49 3.82
N ALA A 55 -18.80 -8.71 2.62
CA ALA A 55 -19.19 -7.89 1.50
C ALA A 55 -20.71 -7.90 1.32
N SER A 56 -21.26 -6.75 1.00
CA SER A 56 -22.68 -6.61 0.74
C SER A 56 -22.85 -5.39 -0.10
N GLU A 57 -24.04 -5.22 -0.68
CA GLU A 57 -24.33 -4.06 -1.50
C GLU A 57 -24.14 -2.80 -0.68
N ASP A 58 -24.42 -2.90 0.62
CA ASP A 58 -24.25 -1.80 1.57
C ASP A 58 -22.79 -1.64 1.95
N ALA A 59 -22.05 -2.75 1.86
CA ALA A 59 -20.65 -2.77 2.26
C ALA A 59 -19.86 -3.55 1.21
N PRO A 60 -19.71 -2.96 0.02
CA PRO A 60 -19.10 -3.61 -1.13
C PRO A 60 -17.81 -4.32 -0.78
N VAL A 61 -16.99 -3.70 0.07
CA VAL A 61 -15.72 -4.29 0.47
C VAL A 61 -15.62 -4.48 1.98
N GLY A 62 -16.77 -4.55 2.64
CA GLY A 62 -16.79 -4.86 4.07
C GLY A 62 -17.11 -3.67 4.94
N PRO A 63 -17.54 -3.94 6.18
CA PRO A 63 -17.92 -2.99 7.24
C PRO A 63 -16.93 -1.83 7.43
N GLY A 64 -15.65 -2.14 7.53
CA GLY A 64 -14.65 -1.13 7.85
C GLY A 64 -14.59 0.05 6.90
N PRO A 65 -14.21 -0.21 5.66
CA PRO A 65 -14.10 0.85 4.66
C PRO A 65 -15.40 1.64 4.56
N ARG A 66 -16.54 0.95 4.58
CA ARG A 66 -17.82 1.62 4.48
C ARG A 66 -17.97 2.65 5.59
N LYS A 67 -17.69 2.22 6.81
CA LYS A 67 -17.82 3.07 7.97
C LYS A 67 -16.87 4.27 7.90
N ALA A 68 -15.65 4.04 7.44
CA ALA A 68 -14.69 5.12 7.28
C ALA A 68 -15.15 6.17 6.27
N LEU A 69 -15.84 5.73 5.23
CA LEU A 69 -16.35 6.65 4.23
C LEU A 69 -17.38 7.60 4.84
N ASP A 70 -18.32 7.03 5.59
CA ASP A 70 -19.39 7.80 6.21
C ASP A 70 -18.86 8.75 7.29
N TYR A 71 -17.78 8.34 7.96
CA TYR A 71 -17.12 9.18 8.95
C TYR A 71 -16.67 10.48 8.30
N MET A 72 -16.21 10.39 7.06
CA MET A 72 -15.83 11.57 6.31
C MET A 72 -17.08 12.39 5.94
N TYR A 73 -18.20 11.71 5.76
CA TYR A 73 -19.43 12.41 5.45
C TYR A 73 -19.90 13.19 6.68
N GLU A 74 -19.68 12.61 7.85
CA GLU A 74 -20.13 13.21 9.11
C GLU A 74 -19.45 14.53 9.40
N ILE A 75 -18.16 14.51 9.55
CA ILE A 75 -17.47 15.70 9.93
C ILE A 75 -17.72 16.71 8.88
N ALA A 76 -17.78 16.25 7.66
CA ALA A 76 -18.14 17.12 6.55
C ALA A 76 -19.42 17.87 6.89
N HIS A 77 -20.53 17.13 6.98
CA HIS A 77 -21.80 17.71 7.35
C HIS A 77 -21.65 18.61 8.58
N ARG A 78 -21.11 18.05 9.65
CA ARG A 78 -20.87 18.84 10.85
C ARG A 78 -20.35 20.22 10.51
N ASP A 79 -19.44 20.27 9.54
CA ASP A 79 -18.76 21.50 9.17
C ASP A 79 -19.47 22.25 8.04
N GLY A 80 -20.63 21.74 7.63
CA GLY A 80 -21.46 22.44 6.64
C GLY A 80 -21.25 22.08 5.18
N PHE A 81 -20.31 21.19 4.89
CA PHE A 81 -20.07 20.82 3.50
C PHE A 81 -21.07 19.78 3.02
N THR A 82 -21.51 19.94 1.78
CA THR A 82 -22.40 19.00 1.11
C THR A 82 -21.62 17.80 0.61
N THR A 83 -22.17 16.61 0.77
CA THR A 83 -21.51 15.41 0.27
C THR A 83 -22.40 14.68 -0.73
N HIS A 84 -21.79 13.79 -1.49
CA HIS A 84 -22.52 12.94 -2.41
C HIS A 84 -21.86 11.56 -2.46
N ASP A 85 -22.66 10.53 -2.24
CA ASP A 85 -22.18 9.16 -2.13
C ASP A 85 -22.42 8.41 -3.44
N VAL A 86 -21.73 7.29 -3.61
CA VAL A 86 -21.85 6.48 -4.81
C VAL A 86 -21.71 5.01 -4.47
N ASP A 87 -22.84 4.34 -4.26
CA ASP A 87 -22.89 2.91 -3.99
C ASP A 87 -22.03 2.51 -2.81
N HIS A 88 -21.88 3.41 -1.85
CA HIS A 88 -21.08 3.16 -0.66
C HIS A 88 -19.71 2.57 -0.98
N ILE A 89 -19.15 2.94 -2.12
CA ILE A 89 -17.82 2.51 -2.46
C ILE A 89 -16.93 3.68 -2.59
N ALA A 90 -17.48 4.82 -2.90
CA ALA A 90 -16.73 6.08 -2.90
C ALA A 90 -17.69 7.26 -2.92
N GLY A 91 -17.17 8.46 -2.69
CA GLY A 91 -18.01 9.66 -2.70
C GLY A 91 -17.19 10.93 -2.60
N ARG A 92 -17.85 12.09 -2.71
CA ARG A 92 -17.14 13.35 -2.67
C ARG A 92 -17.65 14.32 -1.61
N ILE A 93 -16.93 15.26 -1.40
CA ILE A 93 -17.31 16.35 -0.58
C ILE A 93 -17.27 17.56 -1.44
N GLU A 94 -18.21 18.39 -1.44
CA GLU A 94 -18.20 19.61 -2.25
C GLU A 94 -17.91 20.85 -1.40
N ALA A 95 -17.06 21.74 -1.92
CA ALA A 95 -16.59 22.87 -1.12
C ALA A 95 -16.72 24.18 -1.90
N GLY A 96 -16.17 24.22 -3.10
CA GLY A 96 -15.90 25.49 -3.78
C GLY A 96 -17.11 26.12 -4.48
N LYS A 97 -16.84 27.09 -5.33
CA LYS A 97 -17.86 27.63 -6.23
C LYS A 97 -17.16 28.14 -7.47
N GLY A 98 -17.65 27.74 -8.65
CA GLY A 98 -17.07 28.20 -9.90
C GLY A 98 -17.10 27.16 -10.99
N ASN A 99 -16.51 27.49 -12.14
CA ASN A 99 -16.53 26.61 -13.29
C ASN A 99 -15.62 25.40 -13.14
N ASP A 100 -14.37 25.65 -12.80
CA ASP A 100 -13.39 24.59 -12.66
C ASP A 100 -13.51 23.92 -11.30
N VAL A 101 -12.98 22.70 -11.21
CA VAL A 101 -13.02 21.93 -9.97
C VAL A 101 -11.70 21.22 -9.70
N LEU A 102 -11.08 21.58 -8.59
CA LEU A 102 -9.87 20.94 -8.12
C LEU A 102 -10.20 19.68 -7.32
N GLY A 103 -9.86 18.52 -7.87
CA GLY A 103 -10.09 17.26 -7.18
C GLY A 103 -8.92 16.92 -6.25
N ILE A 104 -9.22 16.29 -5.13
CA ILE A 104 -8.20 15.82 -4.22
C ILE A 104 -8.56 14.44 -3.79
N LEU A 105 -7.85 13.46 -4.31
CA LEU A 105 -8.19 12.04 -4.16
C LEU A 105 -7.58 11.40 -2.93
N CYS A 106 -8.43 11.06 -1.98
CA CYS A 106 -8.00 10.39 -0.76
C CYS A 106 -8.63 9.02 -0.68
N HIS A 107 -7.89 8.05 -0.18
CA HIS A 107 -8.46 6.77 0.15
C HIS A 107 -8.55 6.64 1.67
N VAL A 108 -9.48 5.82 2.12
CA VAL A 108 -9.82 5.78 3.52
C VAL A 108 -9.74 4.33 3.98
N ASP A 109 -9.61 3.42 3.02
CA ASP A 109 -9.30 2.04 3.36
C ASP A 109 -7.82 1.93 3.75
N VAL A 110 -7.46 0.81 4.35
CA VAL A 110 -6.17 0.68 4.99
C VAL A 110 -5.69 -0.77 4.89
N VAL A 111 -4.40 -1.00 5.00
CA VAL A 111 -3.91 -2.38 4.94
C VAL A 111 -3.98 -3.08 6.29
N PRO A 112 -4.19 -4.39 6.27
CA PRO A 112 -4.25 -5.14 7.52
C PRO A 112 -3.02 -4.91 8.37
N ALA A 113 -3.11 -5.19 9.66
CA ALA A 113 -1.97 -5.04 10.57
C ALA A 113 -1.61 -6.41 11.17
N GLY A 114 -0.32 -6.70 11.25
CA GLY A 114 0.12 -7.99 11.78
C GLY A 114 0.46 -7.96 13.26
N ASP A 115 1.24 -8.94 13.71
CA ASP A 115 1.69 -9.01 15.09
C ASP A 115 2.91 -8.15 15.37
N GLY A 116 3.27 -8.06 16.64
CA GLY A 116 4.46 -7.33 17.07
C GLY A 116 4.24 -5.86 17.33
N TRP A 117 2.99 -5.43 17.32
CA TRP A 117 2.70 -4.02 17.57
C TRP A 117 2.92 -3.68 19.04
N ASP A 118 3.37 -2.48 19.32
CA ASP A 118 3.51 -2.02 20.71
C ASP A 118 2.27 -1.26 21.16
N SER A 119 1.21 -1.38 20.38
CA SER A 119 -0.03 -0.71 20.69
C SER A 119 -1.12 -1.35 19.86
N ASN A 120 -2.36 -0.95 20.10
CA ASN A 120 -3.46 -1.45 19.31
C ASN A 120 -3.54 -0.70 17.98
N PRO A 121 -3.20 -1.39 16.89
CA PRO A 121 -3.09 -0.76 15.58
C PRO A 121 -4.26 0.15 15.28
N PHE A 122 -5.44 -0.20 15.81
CA PHE A 122 -6.66 0.56 15.50
C PHE A 122 -7.24 1.32 16.70
N GLU A 123 -6.46 1.44 17.77
CA GLU A 123 -6.77 2.35 18.86
C GLU A 123 -5.66 3.39 18.83
N PRO A 124 -5.92 4.53 18.17
CA PRO A 124 -4.87 5.52 18.04
C PRO A 124 -4.31 5.90 19.40
N VAL A 125 -2.98 5.96 19.49
CA VAL A 125 -2.32 6.50 20.66
C VAL A 125 -1.76 7.84 20.22
N VAL A 126 -1.77 8.82 21.12
CA VAL A 126 -1.21 10.12 20.78
C VAL A 126 -0.20 10.60 21.81
N THR A 127 1.06 10.70 21.40
CA THR A 127 2.12 11.12 22.30
C THR A 127 2.46 12.59 22.09
N GLU A 128 3.39 13.08 22.91
CA GLU A 128 3.91 14.42 22.75
C GLU A 128 4.17 14.75 21.26
N ASP A 129 4.78 13.81 20.55
CA ASP A 129 5.30 14.09 19.21
C ASP A 129 4.51 13.51 18.04
N ALA A 130 3.80 12.40 18.23
CA ALA A 130 3.14 11.75 17.10
C ALA A 130 1.80 11.12 17.43
N ILE A 131 1.41 10.41 16.39
CA ILE A 131 0.22 9.61 16.63
C ILE A 131 0.46 8.18 16.16
N ILE A 132 0.23 7.18 16.98
CA ILE A 132 0.43 5.84 16.49
C ILE A 132 -0.80 5.10 16.06
N ALA A 133 -0.78 4.53 14.86
CA ALA A 133 -1.92 3.75 14.43
C ALA A 133 -1.87 3.46 12.93
N ARG A 134 -2.35 2.28 12.55
CA ARG A 134 -2.37 1.93 11.13
C ARG A 134 -3.16 2.98 10.38
N GLY A 135 -2.58 3.51 9.31
CA GLY A 135 -3.26 4.52 8.50
C GLY A 135 -2.89 5.95 8.84
N THR A 136 -2.13 6.15 9.91
CA THR A 136 -1.70 7.49 10.26
C THR A 136 -0.91 8.13 9.12
N LEU A 137 -0.05 7.34 8.50
CA LEU A 137 0.83 7.83 7.45
C LEU A 137 0.13 7.67 6.13
N ASP A 138 -0.40 6.48 5.88
CA ASP A 138 -1.15 6.22 4.66
C ASP A 138 -2.46 5.54 5.02
N ASP A 139 -3.58 6.22 4.82
CA ASP A 139 -3.62 7.55 4.22
C ASP A 139 -4.55 8.48 5.00
N LYS A 140 -4.82 8.14 6.25
CA LYS A 140 -5.77 8.90 7.03
C LYS A 140 -5.20 10.25 7.48
N GLY A 141 -3.91 10.23 7.84
CA GLY A 141 -3.22 11.43 8.27
C GLY A 141 -3.29 12.53 7.24
N PRO A 142 -2.77 12.25 6.02
CA PRO A 142 -2.85 13.22 4.93
C PRO A 142 -4.30 13.62 4.63
N THR A 143 -5.20 12.66 4.43
CA THR A 143 -6.51 13.02 3.92
C THR A 143 -7.06 14.26 4.64
N ILE A 144 -7.13 14.06 5.95
CA ILE A 144 -7.63 15.03 6.90
C ILE A 144 -6.77 16.26 6.84
N ALA A 145 -5.45 16.10 6.97
CA ALA A 145 -4.66 17.31 6.74
C ALA A 145 -5.20 18.05 5.53
N ALA A 146 -5.41 17.31 4.46
CA ALA A 146 -6.01 17.91 3.28
C ALA A 146 -7.35 18.52 3.69
N TYR A 147 -8.16 17.75 4.38
CA TYR A 147 -9.51 18.19 4.72
C TYR A 147 -9.49 19.56 5.40
N TYR A 148 -8.71 19.68 6.48
CA TYR A 148 -8.70 20.93 7.22
C TYR A 148 -8.20 22.11 6.42
N ALA A 149 -7.51 21.85 5.31
CA ALA A 149 -7.12 22.92 4.40
C ALA A 149 -8.38 23.58 3.85
N ILE A 150 -9.28 22.80 3.31
CA ILE A 150 -10.54 23.33 2.87
C ILE A 150 -11.32 23.99 3.97
N LYS A 151 -11.54 23.27 5.05
CA LYS A 151 -12.29 23.84 6.15
C LYS A 151 -11.74 25.18 6.64
N ILE A 152 -10.45 25.27 6.81
CA ILE A 152 -9.86 26.49 7.25
C ILE A 152 -10.16 27.62 6.29
N LEU A 153 -9.95 27.41 5.01
CA LEU A 153 -10.26 28.43 4.02
C LEU A 153 -11.72 28.86 4.16
N GLU A 154 -12.62 27.88 4.08
CA GLU A 154 -14.05 28.11 4.24
C GLU A 154 -14.36 28.92 5.50
N ASP A 155 -13.81 28.50 6.63
CA ASP A 155 -13.96 29.28 7.87
C ASP A 155 -13.53 30.73 7.71
N MET A 156 -12.64 30.98 6.76
CA MET A 156 -12.15 32.33 6.50
C MET A 156 -13.09 33.10 5.59
N ASN A 157 -14.20 32.47 5.21
CA ASN A 157 -15.14 33.07 4.26
C ASN A 157 -14.45 33.61 3.02
N VAL A 158 -13.62 32.77 2.39
CA VAL A 158 -12.89 33.19 1.20
C VAL A 158 -13.81 33.23 -0.01
N ASP A 159 -13.36 33.93 -1.05
CA ASP A 159 -14.11 34.03 -2.28
C ASP A 159 -13.67 32.94 -3.26
N TRP A 160 -14.25 31.74 -3.12
CA TRP A 160 -13.86 30.63 -4.00
C TRP A 160 -14.02 31.00 -5.47
N LYS A 161 -12.99 30.70 -6.26
CA LYS A 161 -13.05 30.90 -7.70
C LYS A 161 -13.09 29.55 -8.42
N LYS A 162 -12.80 28.48 -7.67
CA LYS A 162 -12.96 27.13 -8.18
C LYS A 162 -13.68 26.27 -7.14
N ARG A 163 -14.44 25.29 -7.62
CA ARG A 163 -15.01 24.29 -6.72
C ARG A 163 -13.95 23.27 -6.28
N ILE A 164 -14.14 22.63 -5.15
CA ILE A 164 -13.25 21.59 -4.71
C ILE A 164 -13.95 20.31 -4.43
N HIS A 165 -13.55 19.25 -5.07
CA HIS A 165 -14.11 17.93 -4.83
C HIS A 165 -13.08 17.07 -4.15
N MET A 166 -13.20 16.92 -2.83
CA MET A 166 -12.39 15.94 -2.14
C MET A 166 -12.97 14.55 -2.41
N ILE A 167 -12.31 13.75 -3.20
CA ILE A 167 -12.84 12.45 -3.50
C ILE A 167 -12.26 11.41 -2.58
N ILE A 168 -13.12 10.70 -1.89
CA ILE A 168 -12.70 9.70 -0.97
C ILE A 168 -12.98 8.32 -1.49
N GLY A 169 -11.97 7.49 -1.62
CA GLY A 169 -12.14 6.10 -2.07
C GLY A 169 -12.07 5.11 -0.91
N THR A 170 -12.60 3.90 -1.12
CA THR A 170 -12.57 2.90 -0.04
C THR A 170 -11.88 1.59 -0.41
N ASP A 171 -11.30 1.53 -1.61
CA ASP A 171 -10.73 0.26 -2.07
C ASP A 171 -9.38 0.42 -2.75
N GLU A 172 -8.76 1.59 -2.61
CA GLU A 172 -7.57 1.90 -3.41
C GLU A 172 -6.38 1.02 -3.05
N GLU A 173 -6.36 0.55 -1.81
CA GLU A 173 -5.27 -0.27 -1.33
C GLU A 173 -5.33 -1.71 -1.87
N SER A 174 -6.40 -2.03 -2.61
CA SER A 174 -6.62 -3.40 -3.08
C SER A 174 -6.93 -3.82 -4.51
N ASP A 175 -8.07 -3.38 -5.00
CA ASP A 175 -8.47 -3.35 -6.38
C ASP A 175 -9.15 -2.03 -6.42
N TRP A 176 -9.31 -1.38 -7.56
CA TRP A 176 -9.73 0.01 -7.46
C TRP A 176 -11.20 0.33 -7.49
N LYS A 177 -11.97 -0.63 -6.99
CA LYS A 177 -13.42 -0.66 -7.13
C LYS A 177 -13.98 0.72 -6.87
N CYS A 178 -13.34 1.43 -5.94
CA CYS A 178 -13.82 2.75 -5.52
C CYS A 178 -13.84 3.79 -6.63
N THR A 179 -12.67 4.13 -7.16
CA THR A 179 -12.62 5.18 -8.18
C THR A 179 -13.04 4.70 -9.58
N ASP A 180 -12.91 3.40 -9.84
CA ASP A 180 -13.39 2.83 -11.09
C ASP A 180 -14.86 3.13 -11.27
N ARG A 181 -15.61 2.98 -10.19
CA ARG A 181 -17.04 3.27 -10.21
C ARG A 181 -17.28 4.77 -10.21
N TYR A 182 -16.60 5.48 -9.30
CA TYR A 182 -16.77 6.92 -9.17
C TYR A 182 -16.62 7.67 -10.47
N PHE A 183 -15.75 7.19 -11.35
CA PHE A 183 -15.41 7.96 -12.55
C PHE A 183 -16.18 7.56 -13.78
N LYS A 184 -17.13 6.64 -13.61
CA LYS A 184 -18.01 6.29 -14.71
C LYS A 184 -19.11 7.34 -14.82
N THR A 185 -19.59 7.81 -13.67
CA THR A 185 -20.78 8.65 -13.63
C THR A 185 -20.48 10.05 -13.14
N GLU A 186 -19.51 10.17 -12.24
CA GLU A 186 -19.23 11.44 -11.58
C GLU A 186 -18.34 12.36 -12.41
N GLU A 187 -18.30 13.63 -12.01
CA GLU A 187 -17.51 14.64 -12.69
C GLU A 187 -16.01 14.37 -12.59
N MET A 188 -15.30 14.52 -13.70
CA MET A 188 -13.85 14.49 -13.69
C MET A 188 -13.33 15.90 -13.40
N PRO A 189 -12.58 16.07 -12.30
CA PRO A 189 -12.02 17.38 -11.93
C PRO A 189 -11.11 17.91 -13.03
N THR A 190 -11.01 19.23 -13.17
CA THR A 190 -10.19 19.81 -14.24
C THR A 190 -8.70 19.72 -13.89
N LEU A 191 -8.43 19.56 -12.60
CA LEU A 191 -7.07 19.48 -12.09
C LEU A 191 -7.11 18.81 -10.71
N GLY A 192 -6.15 17.93 -10.42
CA GLY A 192 -6.22 17.21 -9.14
C GLY A 192 -4.94 16.54 -8.64
N PHE A 193 -4.85 16.39 -7.33
CA PHE A 193 -3.71 15.67 -6.76
C PHE A 193 -4.15 14.69 -5.68
N ALA A 194 -3.28 13.73 -5.37
CA ALA A 194 -3.53 12.79 -4.29
C ALA A 194 -2.51 13.02 -3.17
N PRO A 195 -3.01 13.34 -1.97
CA PRO A 195 -2.10 13.48 -0.85
C PRO A 195 -1.80 12.10 -0.29
N ASP A 196 -1.02 11.32 -1.03
CA ASP A 196 -0.89 9.90 -0.75
C ASP A 196 0.16 9.26 -1.66
N ALA A 197 1.20 10.00 -1.97
CA ALA A 197 2.56 9.59 -1.64
C ALA A 197 3.40 10.59 -0.84
N GLU A 198 4.44 11.04 -1.48
CA GLU A 198 5.54 11.69 -0.82
C GLU A 198 5.56 13.13 -1.11
N PHE A 199 6.33 13.81 -0.36
CA PHE A 199 6.58 15.12 -0.94
C PHE A 199 7.93 15.19 -1.62
N PRO A 200 8.18 16.29 -2.32
CA PRO A 200 7.35 17.48 -2.23
C PRO A 200 6.40 17.62 -3.42
N CYS A 201 6.76 16.99 -4.54
CA CYS A 201 5.77 16.49 -5.49
C CYS A 201 6.22 15.17 -6.12
N ILE A 202 5.25 14.35 -6.51
CA ILE A 202 5.54 13.10 -7.21
C ILE A 202 4.84 13.05 -8.56
N HIS A 203 5.54 13.50 -9.61
CA HIS A 203 4.89 13.79 -10.88
C HIS A 203 4.87 12.55 -11.77
N GLY A 204 5.41 11.45 -11.26
CA GLY A 204 5.44 10.21 -12.01
C GLY A 204 5.44 9.00 -11.09
N GLU A 205 4.92 7.90 -11.60
CA GLU A 205 4.84 6.67 -10.84
C GLU A 205 5.05 5.47 -11.75
N LYS A 206 5.79 4.48 -11.25
CA LYS A 206 6.07 3.30 -12.02
C LYS A 206 4.76 2.65 -12.43
N GLY A 207 4.83 1.73 -13.40
CA GLY A 207 3.68 0.92 -13.76
C GLY A 207 3.49 -0.14 -12.70
N ILE A 208 2.26 -0.36 -12.31
CA ILE A 208 1.98 -1.37 -11.32
C ILE A 208 1.30 -2.53 -11.91
N THR A 209 1.62 -3.68 -11.39
CA THR A 209 1.06 -4.90 -11.93
C THR A 209 1.03 -6.01 -10.90
N THR A 210 0.18 -7.00 -11.12
CA THR A 210 0.06 -8.14 -10.22
C THR A 210 -0.38 -9.37 -11.01
N PHE A 211 0.23 -10.50 -10.70
CA PHE A 211 -0.10 -11.75 -11.38
C PHE A 211 0.22 -12.91 -10.46
N ASP A 212 -0.24 -14.09 -10.83
CA ASP A 212 0.01 -15.28 -10.03
C ASP A 212 0.85 -16.31 -10.77
N LEU A 213 1.69 -17.01 -10.02
CA LEU A 213 2.43 -18.13 -10.58
C LEU A 213 1.83 -19.40 -9.98
N VAL A 214 1.02 -20.10 -10.77
CA VAL A 214 0.29 -21.24 -10.25
C VAL A 214 0.94 -22.55 -10.68
N GLN A 215 0.79 -23.56 -9.84
CA GLN A 215 1.45 -24.84 -10.04
C GLN A 215 0.48 -25.89 -10.58
N ASN A 216 1.03 -27.07 -10.87
CA ASN A 216 0.23 -28.22 -11.31
C ASN A 216 0.52 -29.45 -10.44
N LYS A 217 -0.46 -30.35 -10.33
CA LYS A 217 -0.25 -31.59 -9.57
C LYS A 217 0.70 -32.54 -10.30
N LEU A 218 0.89 -33.73 -9.74
CA LEU A 218 1.78 -34.74 -10.33
C LEU A 218 2.03 -35.89 -9.35
N GLN A 222 3.37 -41.06 -3.81
CA GLN A 222 4.21 -41.93 -4.62
C GLN A 222 4.91 -42.96 -3.75
N ASP A 223 5.99 -42.52 -3.10
CA ASP A 223 6.84 -43.43 -2.32
C ASP A 223 7.33 -42.86 -0.95
N GLU A 224 6.40 -42.32 -0.16
CA GLU A 224 6.52 -41.99 1.30
C GLU A 224 7.76 -41.27 1.92
N PRO A 225 8.12 -40.08 1.41
CA PRO A 225 9.41 -39.41 1.58
C PRO A 225 9.67 -39.10 3.05
N ASP A 226 10.85 -38.57 3.36
CA ASP A 226 11.20 -38.23 4.73
C ASP A 226 10.27 -37.16 5.28
N TYR A 227 9.66 -36.39 4.38
CA TYR A 227 8.78 -35.30 4.78
C TYR A 227 7.76 -34.99 3.70
N GLU A 228 6.53 -34.72 4.12
CA GLU A 228 5.49 -34.29 3.19
C GLU A 228 4.89 -32.97 3.64
N LEU A 229 4.89 -31.99 2.76
CA LEU A 229 4.31 -30.69 3.06
C LEU A 229 2.79 -30.78 2.99
N ILE A 230 2.11 -30.45 4.07
CA ILE A 230 0.68 -30.51 4.03
C ILE A 230 0.05 -29.21 3.63
N THR A 231 0.46 -28.14 4.26
CA THR A 231 -0.02 -26.83 3.88
C THR A 231 1.07 -25.79 4.06
N PHE A 232 0.87 -24.65 3.42
CA PHE A 232 1.77 -23.52 3.56
C PHE A 232 0.99 -22.25 3.29
N LYS A 233 0.98 -21.35 4.28
CA LYS A 233 0.33 -20.06 4.10
C LYS A 233 1.27 -18.97 4.58
N SER A 234 1.44 -17.93 3.77
CA SER A 234 2.21 -16.78 4.19
C SER A 234 1.98 -15.61 3.25
N GLY A 235 1.48 -14.51 3.81
CA GLY A 235 1.27 -13.28 3.05
C GLY A 235 -0.17 -13.16 2.61
N GLU A 236 -0.68 -11.93 2.65
CA GLU A 236 -2.09 -11.71 2.36
C GLU A 236 -2.36 -10.70 1.27
N ARG A 237 -1.48 -9.72 1.15
CA ARG A 237 -1.66 -8.66 0.17
C ARG A 237 -0.47 -8.58 -0.78
N TYR A 238 -0.76 -8.41 -2.07
CA TYR A 238 0.28 -8.24 -3.07
C TYR A 238 1.19 -7.08 -2.71
N ASN A 239 0.62 -6.03 -2.14
CA ASN A 239 1.35 -4.79 -1.87
C ASN A 239 2.01 -4.73 -0.50
N MET A 240 2.28 -5.89 0.09
CA MET A 240 2.97 -5.95 1.36
C MET A 240 3.93 -7.11 1.39
N VAL A 241 5.05 -6.96 2.09
CA VAL A 241 5.96 -8.05 2.34
C VAL A 241 5.42 -8.88 3.51
N PRO A 242 5.31 -10.20 3.31
CA PRO A 242 4.78 -11.06 4.37
C PRO A 242 5.72 -11.09 5.57
N ASP A 243 5.15 -10.96 6.76
CA ASP A 243 5.95 -11.01 7.98
C ASP A 243 5.60 -12.26 8.75
N HIS A 244 4.74 -13.07 8.18
CA HIS A 244 4.37 -14.34 8.80
C HIS A 244 4.34 -15.45 7.76
N ALA A 245 4.83 -16.62 8.14
CA ALA A 245 4.75 -17.77 7.28
C ALA A 245 4.58 -18.98 8.16
N GLU A 246 3.72 -19.90 7.76
CA GLU A 246 3.53 -21.13 8.50
C GLU A 246 3.45 -22.34 7.58
N ALA A 247 4.16 -23.40 7.96
CA ALA A 247 4.12 -24.63 7.21
C ALA A 247 3.70 -25.78 8.11
N ARG A 248 2.88 -26.66 7.58
CA ARG A 248 2.48 -27.85 8.30
C ARG A 248 3.14 -29.05 7.64
N VAL A 249 4.04 -29.69 8.38
CA VAL A 249 4.85 -30.79 7.83
C VAL A 249 4.59 -32.13 8.52
N LEU A 250 4.50 -33.17 7.70
CA LEU A 250 4.29 -34.52 8.18
C LEU A 250 5.61 -35.27 8.21
N VAL A 251 6.16 -35.49 9.40
CA VAL A 251 7.45 -36.15 9.52
C VAL A 251 7.30 -37.65 9.45
N LYS A 252 8.30 -38.33 8.90
CA LYS A 252 8.21 -39.77 8.70
C LYS A 252 8.76 -40.61 9.85
N GLU A 253 9.92 -40.26 10.41
CA GLU A 253 10.53 -41.10 11.46
C GLU A 253 11.13 -40.25 12.58
N ASN A 254 12.30 -39.65 12.33
CA ASN A 254 12.97 -38.89 13.37
C ASN A 254 12.95 -37.39 13.06
N MET A 255 12.45 -36.61 14.00
CA MET A 255 12.18 -35.21 13.74
C MET A 255 12.90 -34.25 14.68
N THR A 256 13.51 -34.77 15.73
CA THR A 256 14.33 -33.92 16.57
C THR A 256 15.36 -33.20 15.71
N ASP A 257 15.76 -33.85 14.62
CA ASP A 257 16.68 -33.21 13.69
C ASP A 257 16.06 -31.95 13.09
N VAL A 258 14.85 -32.08 12.55
CA VAL A 258 14.18 -30.92 11.97
C VAL A 258 14.03 -29.77 12.96
N ILE A 259 13.70 -30.07 14.17
CA ILE A 259 13.61 -29.01 15.13
C ILE A 259 14.93 -28.33 15.32
N GLN A 260 15.93 -29.06 15.74
CA GLN A 260 17.25 -28.48 15.95
C GLN A 260 17.71 -27.72 14.70
N ASP A 261 17.50 -28.31 13.53
CA ASP A 261 17.88 -27.65 12.27
C ASP A 261 17.14 -26.34 12.11
N PHE A 262 15.82 -26.40 12.21
CA PHE A 262 15.01 -25.20 12.05
C PHE A 262 15.40 -24.09 13.02
N GLU A 263 15.73 -24.46 14.26
CA GLU A 263 16.13 -23.47 15.26
C GLU A 263 17.49 -22.85 14.93
N TYR A 264 18.38 -23.65 14.33
CA TYR A 264 19.64 -23.13 13.83
C TYR A 264 19.42 -22.20 12.64
N PHE A 265 18.54 -22.60 11.73
CA PHE A 265 18.19 -21.79 10.58
C PHE A 265 17.71 -20.41 11.02
N LEU A 266 16.83 -20.39 12.01
CA LEU A 266 16.35 -19.12 12.53
C LEU A 266 17.52 -18.26 13.01
N GLU A 267 18.35 -18.82 13.90
CA GLU A 267 19.50 -18.06 14.41
C GLU A 267 20.39 -17.50 13.30
N GLN A 268 20.82 -18.36 12.39
CA GLN A 268 21.71 -17.95 11.31
C GLN A 268 21.15 -16.79 10.52
N ASN A 269 19.85 -16.81 10.23
CA ASN A 269 19.22 -15.75 9.45
C ASN A 269 18.64 -14.59 10.25
N HIS A 270 18.83 -14.62 11.57
CA HIS A 270 18.36 -13.54 12.43
C HIS A 270 16.85 -13.37 12.31
N LEU A 271 16.14 -14.49 12.38
CA LEU A 271 14.71 -14.47 12.26
C LEU A 271 14.08 -14.80 13.60
N GLN A 272 12.81 -14.43 13.77
CA GLN A 272 12.01 -14.94 14.86
C GLN A 272 11.07 -15.98 14.31
N GLY A 273 10.66 -16.92 15.14
CA GLY A 273 9.75 -17.98 14.71
C GLY A 273 9.76 -19.06 15.75
N ASP A 274 9.15 -20.19 15.45
CA ASP A 274 9.22 -21.31 16.37
C ASP A 274 8.54 -22.53 15.79
N SER A 275 8.57 -23.62 16.54
CA SER A 275 8.04 -24.89 16.06
C SER A 275 7.27 -25.60 17.14
N THR A 276 6.19 -26.25 16.74
CA THR A 276 5.46 -27.12 17.64
C THR A 276 5.03 -28.35 16.87
N VAL A 277 5.28 -29.52 17.43
CA VAL A 277 4.63 -30.72 16.93
C VAL A 277 3.30 -30.75 17.67
N ASP A 278 2.23 -31.02 16.97
CA ASP A 278 0.90 -30.89 17.55
C ASP A 278 0.02 -32.12 17.68
N SER A 279 -0.32 -32.69 16.54
CA SER A 279 -1.15 -33.85 16.54
C SER A 279 -0.39 -34.90 15.80
N GLY A 280 0.91 -34.85 16.03
CA GLY A 280 1.88 -35.65 15.30
C GLY A 280 2.34 -34.89 14.06
N ILE A 281 2.07 -33.60 14.02
CA ILE A 281 2.39 -32.76 12.88
C ILE A 281 3.26 -31.60 13.25
N LEU A 282 4.23 -31.27 12.40
CA LEU A 282 5.22 -30.24 12.68
C LEU A 282 4.80 -28.88 12.14
N VAL A 283 4.59 -27.92 13.04
CA VAL A 283 4.18 -26.59 12.63
C VAL A 283 5.35 -25.61 12.66
N LEU A 284 5.84 -25.23 11.48
CA LEU A 284 6.96 -24.32 11.38
C LEU A 284 6.47 -22.90 11.11
N THR A 285 6.94 -21.96 11.92
CA THR A 285 6.48 -20.58 11.86
C THR A 285 7.66 -19.62 11.76
N VAL A 286 7.54 -18.65 10.87
CA VAL A 286 8.60 -17.65 10.69
C VAL A 286 8.03 -16.24 10.68
N GLU A 287 8.57 -15.38 11.54
CA GLU A 287 8.21 -13.96 11.50
C GLU A 287 9.21 -13.28 10.60
N GLY A 288 8.78 -12.23 9.92
CA GLY A 288 9.68 -11.45 9.08
C GLY A 288 9.52 -9.97 9.37
N LYS A 289 9.74 -9.14 8.36
CA LYS A 289 9.51 -7.71 8.50
C LYS A 289 8.70 -7.14 7.33
N ALA A 290 7.44 -6.78 7.59
CA ALA A 290 6.55 -6.27 6.56
C ALA A 290 6.85 -4.83 6.17
N VAL A 291 6.84 -4.57 4.87
CA VAL A 291 7.19 -3.28 4.32
C VAL A 291 6.40 -3.11 3.03
N HIS A 292 6.15 -1.86 2.64
CA HIS A 292 5.46 -1.59 1.38
C HIS A 292 6.08 -2.37 0.23
N GLY A 293 5.23 -2.87 -0.67
CA GLY A 293 5.66 -3.70 -1.78
C GLY A 293 6.45 -2.98 -2.85
N MET A 294 6.35 -1.65 -2.88
CA MET A 294 7.10 -0.87 -3.86
C MET A 294 8.59 -1.05 -3.62
N ASP A 295 8.94 -1.57 -2.46
CA ASP A 295 10.32 -1.85 -2.10
C ASP A 295 10.38 -2.97 -1.08
N PRO A 296 10.71 -4.18 -1.55
CA PRO A 296 10.79 -5.35 -0.67
C PRO A 296 12.18 -5.54 -0.09
N SER A 297 13.18 -4.91 -0.71
CA SER A 297 14.57 -5.07 -0.28
C SER A 297 14.84 -4.53 1.10
N ILE A 298 13.96 -3.73 1.63
CA ILE A 298 14.17 -3.21 2.95
C ILE A 298 13.32 -3.92 3.94
N GLY A 299 12.81 -5.05 3.54
CA GLY A 299 11.99 -5.90 4.40
C GLY A 299 12.51 -7.32 4.43
N VAL A 300 11.84 -8.17 5.19
CA VAL A 300 12.25 -9.56 5.33
C VAL A 300 11.07 -10.47 5.04
N ASN A 301 11.04 -11.03 3.83
CA ASN A 301 9.96 -11.89 3.42
C ASN A 301 9.91 -13.18 4.25
N ALA A 302 8.95 -13.27 5.16
CA ALA A 302 8.84 -14.47 6.00
C ALA A 302 8.59 -15.72 5.16
N GLY A 303 7.73 -15.62 4.16
CA GLY A 303 7.37 -16.78 3.35
C GLY A 303 8.56 -17.36 2.62
N LEU A 304 9.35 -16.48 2.01
CA LEU A 304 10.48 -16.92 1.20
C LEU A 304 11.53 -17.61 2.04
N TYR A 305 11.76 -17.13 3.25
CA TYR A 305 12.77 -17.76 4.10
C TYR A 305 12.38 -19.16 4.54
N LEU A 306 11.16 -19.30 5.05
CA LEU A 306 10.65 -20.62 5.40
C LEU A 306 10.86 -21.60 4.24
N LEU A 307 10.59 -21.15 3.02
CA LEU A 307 10.72 -22.01 1.85
C LEU A 307 12.19 -22.32 1.55
N LYS A 308 13.04 -21.33 1.75
CA LYS A 308 14.48 -21.53 1.65
C LYS A 308 14.87 -22.64 2.62
N PHE A 309 14.29 -22.62 3.81
CA PHE A 309 14.57 -23.66 4.78
C PHE A 309 14.07 -25.03 4.34
N LEU A 310 12.85 -25.09 3.84
CA LEU A 310 12.29 -26.37 3.46
C LEU A 310 13.12 -27.05 2.36
N ALA A 311 13.82 -26.24 1.57
CA ALA A 311 14.65 -26.76 0.48
C ALA A 311 15.72 -27.74 0.97
N SER A 312 16.08 -27.64 2.25
CA SER A 312 17.13 -28.50 2.77
C SER A 312 16.60 -29.89 3.18
N LEU A 313 15.29 -30.07 3.11
CA LEU A 313 14.68 -31.35 3.46
C LEU A 313 14.46 -32.26 2.25
N ASN A 314 14.32 -33.55 2.51
CA ASN A 314 13.81 -34.47 1.50
C ASN A 314 12.29 -34.45 1.54
N LEU A 315 11.68 -33.89 0.49
CA LEU A 315 10.23 -33.69 0.46
C LEU A 315 9.52 -34.48 -0.64
N ASP A 316 8.20 -34.59 -0.53
CA ASP A 316 7.36 -35.11 -1.60
C ASP A 316 7.59 -34.31 -2.89
N ASN A 317 7.53 -35.00 -4.02
CA ASN A 317 7.84 -34.39 -5.31
C ASN A 317 7.26 -32.99 -5.53
N ASN A 318 5.97 -32.82 -5.26
CA ASN A 318 5.31 -31.53 -5.49
C ASN A 318 5.80 -30.42 -4.56
N ALA A 319 5.88 -30.72 -3.27
CA ALA A 319 6.46 -29.78 -2.33
C ALA A 319 7.85 -29.40 -2.81
N GLN A 320 8.65 -30.40 -3.15
CA GLN A 320 9.99 -30.17 -3.65
C GLN A 320 9.98 -29.23 -4.86
N ALA A 321 9.08 -29.46 -5.79
CA ALA A 321 8.98 -28.59 -6.96
C ALA A 321 8.57 -27.18 -6.52
N PHE A 322 7.62 -27.11 -5.61
CA PHE A 322 7.14 -25.84 -5.09
C PHE A 322 8.28 -25.05 -4.44
N VAL A 323 8.97 -25.69 -3.51
CA VAL A 323 10.11 -25.10 -2.84
C VAL A 323 11.21 -24.70 -3.82
N ALA A 324 11.60 -25.61 -4.70
CA ALA A 324 12.60 -25.31 -5.73
C ALA A 324 12.23 -24.06 -6.51
N PHE A 325 10.99 -23.99 -6.97
CA PHE A 325 10.57 -22.83 -7.76
C PHE A 325 10.92 -21.55 -7.01
N SER A 326 10.46 -21.47 -5.77
CA SER A 326 10.71 -20.30 -4.94
C SER A 326 12.20 -19.95 -4.96
N ASN A 327 13.02 -20.91 -4.56
CA ASN A 327 14.45 -20.70 -4.47
C ASN A 327 15.11 -20.33 -5.80
N ARG A 328 14.56 -20.83 -6.91
CA ARG A 328 15.12 -20.51 -8.22
C ARG A 328 14.78 -19.11 -8.70
N TYR A 329 13.53 -18.69 -8.50
CA TYR A 329 13.06 -17.41 -9.05
C TYR A 329 12.76 -16.32 -8.03
N LEU A 330 12.21 -16.67 -6.87
CA LEU A 330 11.71 -15.64 -5.95
C LEU A 330 12.70 -15.22 -4.87
N PHE A 331 13.39 -16.19 -4.28
CA PHE A 331 14.20 -15.94 -3.10
C PHE A 331 15.31 -14.92 -3.33
N ASN A 332 15.38 -13.94 -2.45
CA ASN A 332 16.41 -12.92 -2.53
C ASN A 332 16.50 -12.38 -3.95
N SER A 333 15.36 -11.93 -4.48
CA SER A 333 15.29 -11.34 -5.82
C SER A 333 14.31 -10.17 -5.85
N ASP A 334 14.63 -9.12 -5.10
CA ASP A 334 13.76 -7.97 -4.96
C ASP A 334 13.50 -7.21 -6.26
N PHE A 335 14.54 -7.12 -7.11
CA PHE A 335 14.44 -6.34 -8.32
C PHE A 335 14.26 -7.18 -9.58
N GLY A 336 13.53 -8.27 -9.43
CA GLY A 336 13.22 -9.18 -10.52
C GLY A 336 14.45 -9.73 -11.21
N GLU A 337 15.56 -9.83 -10.48
CA GLU A 337 16.79 -10.31 -11.11
C GLU A 337 16.69 -11.78 -11.55
N LYS A 338 16.28 -12.67 -10.66
CA LYS A 338 16.19 -14.07 -11.02
C LYS A 338 15.11 -14.37 -12.06
N MET A 339 14.38 -13.34 -12.49
CA MET A 339 13.33 -13.55 -13.48
C MET A 339 13.74 -12.98 -14.84
N GLY A 340 15.01 -12.61 -14.95
CA GLY A 340 15.51 -12.03 -16.19
C GLY A 340 14.78 -10.74 -16.47
N MET A 341 14.39 -10.03 -15.40
CA MET A 341 13.67 -8.77 -15.54
C MET A 341 14.34 -7.60 -14.83
N LYS A 342 15.59 -7.78 -14.41
CA LYS A 342 16.35 -6.67 -13.84
C LYS A 342 16.47 -5.56 -14.87
N PHE A 343 15.84 -4.42 -14.60
CA PHE A 343 15.84 -3.33 -15.55
C PHE A 343 15.77 -2.02 -14.79
N HIS A 344 16.38 -0.98 -15.33
CA HIS A 344 16.50 0.30 -14.67
C HIS A 344 16.66 1.54 -15.52
N THR A 345 16.24 2.66 -14.98
CA THR A 345 16.08 3.90 -15.68
C THR A 345 16.36 4.99 -14.70
N ASP A 346 16.88 6.11 -15.16
CA ASP A 346 17.40 7.09 -14.24
C ASP A 346 16.23 7.89 -13.81
N VAL A 347 15.14 7.66 -14.49
CA VAL A 347 14.05 8.58 -14.53
C VAL A 347 12.94 8.00 -13.71
N MET A 348 12.66 6.74 -13.91
CA MET A 348 11.64 6.12 -13.13
C MET A 348 12.12 4.96 -12.30
N GLY A 349 13.37 4.59 -12.39
CA GLY A 349 13.97 3.69 -11.45
C GLY A 349 13.95 2.23 -11.82
N ASP A 350 14.00 1.38 -10.81
CA ASP A 350 14.15 -0.04 -11.01
C ASP A 350 12.87 -0.78 -11.12
N VAL A 351 12.95 -1.93 -11.72
CA VAL A 351 11.88 -2.86 -11.70
C VAL A 351 11.97 -3.57 -10.38
N THR A 352 10.86 -3.66 -9.69
CA THR A 352 10.86 -4.32 -8.39
C THR A 352 9.83 -5.43 -8.39
N THR A 353 10.17 -6.57 -7.81
CA THR A 353 9.24 -7.68 -7.74
C THR A 353 9.01 -8.11 -6.31
N ASN A 354 7.75 -8.15 -5.89
CA ASN A 354 7.41 -8.53 -4.52
C ASN A 354 6.55 -9.77 -4.49
N ILE A 355 6.77 -10.64 -3.52
CA ILE A 355 6.00 -11.84 -3.41
C ILE A 355 5.13 -11.72 -2.21
N GLY A 356 3.94 -11.20 -2.38
CA GLY A 356 3.08 -10.85 -1.27
C GLY A 356 2.16 -11.97 -0.79
N VAL A 357 2.02 -13.00 -1.61
CA VAL A 357 1.08 -14.09 -1.33
C VAL A 357 1.68 -15.44 -1.70
N ILE A 358 1.74 -16.34 -0.75
CA ILE A 358 2.26 -17.66 -0.99
C ILE A 358 1.42 -18.67 -0.29
N THR A 359 0.85 -19.60 -1.02
CA THR A 359 0.00 -20.64 -0.46
C THR A 359 0.27 -21.99 -1.11
N TYR A 360 0.06 -23.06 -0.36
CA TYR A 360 0.23 -24.41 -0.87
C TYR A 360 -0.56 -25.38 0.00
N ASP A 361 -1.21 -26.35 -0.63
CA ASP A 361 -1.85 -27.45 0.11
C ASP A 361 -1.78 -28.78 -0.65
N ASN A 362 -2.26 -29.84 0.00
CA ASN A 362 -2.25 -31.17 -0.57
C ASN A 362 -2.98 -31.31 -1.91
N GLU A 363 -4.08 -30.58 -2.05
CA GLU A 363 -4.96 -30.76 -3.20
C GLU A 363 -4.60 -29.86 -4.38
N ASN A 364 -4.44 -28.57 -4.10
CA ASN A 364 -4.36 -27.55 -5.11
C ASN A 364 -3.04 -26.80 -5.25
N ALA A 365 -2.29 -26.69 -4.16
CA ALA A 365 -1.15 -25.77 -4.06
C ALA A 365 -0.10 -26.02 -5.12
N GLY A 366 0.81 -25.08 -5.33
CA GLY A 366 0.88 -23.82 -4.62
C GLY A 366 0.76 -22.67 -5.57
N LEU A 367 1.12 -21.51 -5.08
CA LEU A 367 0.76 -20.24 -5.67
C LEU A 367 1.63 -19.15 -5.19
N PHE A 368 2.18 -18.34 -6.07
CA PHE A 368 2.94 -17.16 -5.70
C PHE A 368 2.28 -15.91 -6.25
N GLY A 369 1.89 -15.00 -5.37
CA GLY A 369 1.28 -13.75 -5.79
C GLY A 369 2.34 -12.66 -5.88
N ILE A 370 2.51 -12.09 -7.04
CA ILE A 370 3.59 -11.17 -7.22
C ILE A 370 3.21 -9.78 -7.62
N ASN A 371 3.73 -8.81 -6.91
CA ASN A 371 3.53 -7.41 -7.21
C ASN A 371 4.78 -6.88 -7.92
N LEU A 372 4.71 -6.75 -9.24
CA LEU A 372 5.82 -6.24 -10.05
C LEU A 372 5.56 -4.82 -10.49
N ARG A 373 6.52 -3.94 -10.26
CA ARG A 373 6.42 -2.57 -10.75
C ARG A 373 7.61 -2.27 -11.64
N TYR A 374 7.44 -1.35 -12.59
CA TYR A 374 8.46 -1.12 -13.59
C TYR A 374 8.43 0.30 -14.12
N PRO A 375 9.59 0.80 -14.57
CA PRO A 375 9.70 2.13 -15.13
C PRO A 375 9.28 2.16 -16.60
N GLU A 376 8.84 3.32 -17.08
CA GLU A 376 8.51 3.50 -18.48
C GLU A 376 9.71 3.05 -19.32
N GLY A 377 9.48 2.12 -20.23
CA GLY A 377 10.56 1.60 -21.05
C GLY A 377 10.68 0.09 -20.90
N PHE A 378 10.38 -0.41 -19.70
CA PHE A 378 10.39 -1.85 -19.48
C PHE A 378 9.26 -2.45 -20.30
N GLU A 379 9.55 -3.49 -21.05
CA GLU A 379 8.53 -4.13 -21.87
C GLU A 379 7.88 -5.28 -21.11
N PHE A 380 6.88 -4.95 -20.31
CA PHE A 380 6.20 -5.90 -19.45
C PHE A 380 5.75 -7.16 -20.20
N GLU A 381 4.88 -7.00 -21.19
CA GLU A 381 4.35 -8.14 -21.93
C GLU A 381 5.45 -9.00 -22.53
N LYS A 382 6.39 -8.37 -23.23
CA LYS A 382 7.50 -9.10 -23.80
C LYS A 382 8.18 -9.91 -22.71
N ALA A 383 8.53 -9.23 -21.62
CA ALA A 383 9.17 -9.87 -20.48
C ALA A 383 8.29 -10.97 -19.93
N MET A 384 7.05 -10.59 -19.64
CA MET A 384 6.12 -11.50 -18.99
C MET A 384 5.89 -12.74 -19.86
N ASP A 385 5.86 -12.55 -21.17
CA ASP A 385 5.60 -13.66 -22.07
C ASP A 385 6.79 -14.62 -22.21
N ARG A 386 8.01 -14.08 -22.19
CA ARG A 386 9.21 -14.90 -22.16
C ARG A 386 9.24 -15.79 -20.93
N PHE A 387 9.03 -15.17 -19.77
CA PHE A 387 9.01 -15.88 -18.49
C PHE A 387 7.96 -16.99 -18.47
N ALA A 388 6.85 -16.76 -19.17
CA ALA A 388 5.75 -17.73 -19.22
C ALA A 388 6.16 -19.05 -19.88
N ASN A 389 7.00 -18.96 -20.92
CA ASN A 389 7.52 -20.16 -21.60
C ASN A 389 8.65 -20.80 -20.80
N GLU A 390 9.51 -19.97 -20.23
CA GLU A 390 10.60 -20.44 -19.41
C GLU A 390 10.05 -21.35 -18.33
N ILE A 391 8.92 -20.98 -17.80
CA ILE A 391 8.39 -21.60 -16.60
C ILE A 391 7.59 -22.85 -16.83
N GLN A 392 7.17 -23.05 -18.05
CA GLN A 392 6.36 -24.21 -18.40
C GLN A 392 6.97 -25.52 -17.89
N GLN A 393 8.24 -25.72 -18.20
CA GLN A 393 8.96 -26.97 -17.85
C GLN A 393 8.91 -27.34 -16.37
N TYR A 394 8.69 -26.34 -15.50
CA TYR A 394 8.61 -26.62 -14.07
C TYR A 394 7.17 -26.87 -13.61
N GLY A 395 6.25 -26.90 -14.56
CA GLY A 395 4.83 -27.12 -14.25
C GLY A 395 4.16 -25.93 -13.58
N PHE A 396 4.50 -24.73 -14.04
CA PHE A 396 3.90 -23.51 -13.50
C PHE A 396 3.33 -22.69 -14.65
N GLU A 397 2.43 -21.76 -14.33
CA GLU A 397 1.85 -20.89 -15.34
C GLU A 397 1.47 -19.54 -14.76
N VAL A 398 1.48 -18.53 -15.64
CA VAL A 398 1.18 -17.16 -15.25
C VAL A 398 -0.31 -16.87 -15.35
N LYS A 399 -0.82 -16.12 -14.38
CA LYS A 399 -2.21 -15.66 -14.41
C LYS A 399 -2.25 -14.17 -14.10
N LEU A 400 -2.28 -13.36 -15.16
CA LEU A 400 -2.17 -11.91 -15.04
C LEU A 400 -3.37 -11.29 -14.32
N GLY A 401 -3.11 -10.30 -13.49
CA GLY A 401 -4.16 -9.50 -12.89
C GLY A 401 -4.19 -8.14 -13.54
N LYS A 402 -4.78 -7.15 -12.86
CA LYS A 402 -4.79 -5.79 -13.39
C LYS A 402 -3.38 -5.35 -13.75
N VAL A 403 -3.26 -4.53 -14.79
CA VAL A 403 -1.98 -4.01 -15.22
C VAL A 403 -2.11 -2.53 -15.56
N GLN A 404 -1.64 -1.65 -14.68
CA GLN A 404 -1.78 -0.23 -14.93
C GLN A 404 -0.44 0.45 -15.24
N PRO A 405 -0.33 1.00 -16.46
CA PRO A 405 0.89 1.55 -17.08
C PRO A 405 1.49 2.74 -16.34
N PRO A 406 2.79 2.97 -16.58
CA PRO A 406 3.51 4.05 -15.92
C PRO A 406 2.77 5.37 -16.14
N HIS A 407 2.87 6.27 -15.16
CA HIS A 407 2.13 7.52 -15.23
C HIS A 407 3.06 8.70 -15.12
N TYR A 408 2.98 9.60 -16.10
CA TYR A 408 3.93 10.68 -16.20
C TYR A 408 3.25 12.03 -16.40
N VAL A 409 3.65 13.01 -15.61
CA VAL A 409 3.23 14.39 -15.84
C VAL A 409 4.47 15.27 -15.80
N ASP A 410 4.61 16.12 -16.82
CA ASP A 410 5.77 16.99 -16.94
C ASP A 410 5.99 17.82 -15.67
N LYS A 411 7.10 17.59 -15.01
CA LYS A 411 7.43 18.25 -13.74
C LYS A 411 7.06 19.73 -13.81
N ASN A 412 7.06 20.29 -15.00
CA ASN A 412 7.07 21.74 -15.22
C ASN A 412 5.69 22.32 -15.42
N ASP A 413 4.72 21.45 -15.69
CA ASP A 413 3.33 21.87 -15.85
C ASP A 413 3.01 22.93 -14.80
N PRO A 414 2.28 23.98 -15.19
CA PRO A 414 2.00 25.07 -14.25
C PRO A 414 1.43 24.53 -12.94
N PHE A 415 0.56 23.53 -13.04
CA PHE A 415 -0.04 22.87 -11.86
C PHE A 415 1.03 22.42 -10.87
N VAL A 416 1.95 21.59 -11.34
CA VAL A 416 3.00 21.07 -10.49
C VAL A 416 3.83 22.18 -9.86
N GLN A 417 4.29 23.12 -10.68
CA GLN A 417 5.08 24.23 -10.16
C GLN A 417 4.27 25.04 -9.16
N LYS A 418 2.95 25.00 -9.30
CA LYS A 418 2.06 25.73 -8.40
C LYS A 418 2.06 25.10 -7.02
N LEU A 419 2.05 23.77 -6.97
CA LEU A 419 2.10 23.05 -5.71
C LEU A 419 3.50 23.14 -5.10
N VAL A 420 4.51 22.87 -5.92
CA VAL A 420 5.89 22.91 -5.44
C VAL A 420 6.19 24.24 -4.77
N THR A 421 5.77 25.34 -5.39
CA THR A 421 5.97 26.66 -4.81
C THR A 421 5.51 26.70 -3.36
N ALA A 422 4.34 26.11 -3.11
CA ALA A 422 3.80 26.07 -1.75
C ALA A 422 4.72 25.29 -0.81
N TYR A 423 5.22 24.15 -1.29
CA TYR A 423 6.15 23.36 -0.51
C TYR A 423 7.42 24.13 -0.20
N ARG A 424 7.95 24.79 -1.23
CA ARG A 424 9.23 25.50 -1.13
C ARG A 424 9.14 26.74 -0.25
N ASN A 425 8.00 27.42 -0.29
CA ASN A 425 7.84 28.62 0.54
C ASN A 425 7.89 28.33 2.02
N GLN A 426 7.35 27.19 2.44
CA GLN A 426 7.30 26.85 3.85
C GLN A 426 8.40 25.85 4.24
N THR A 427 8.98 25.18 3.27
CA THR A 427 10.03 24.23 3.53
C THR A 427 11.35 24.80 3.13
N ASN A 428 11.43 25.48 2.01
CA ASN A 428 12.74 25.99 1.60
C ASN A 428 13.74 24.92 1.11
N ASP A 429 13.40 23.64 1.26
CA ASP A 429 13.97 22.55 0.52
C ASP A 429 13.77 22.86 -0.93
N MET A 430 14.85 23.01 -1.67
CA MET A 430 14.79 23.28 -3.11
C MET A 430 14.74 22.03 -3.98
N THR A 431 14.71 20.85 -3.34
CA THR A 431 14.67 19.59 -4.07
C THR A 431 13.67 19.62 -5.23
N GLU A 432 13.98 18.88 -6.29
CA GLU A 432 13.12 18.78 -7.47
C GLU A 432 12.06 17.70 -7.29
N PRO A 433 10.86 17.93 -7.82
CA PRO A 433 9.81 16.92 -7.84
C PRO A 433 10.28 15.66 -8.57
N TYR A 434 10.20 14.51 -7.91
CA TYR A 434 10.66 13.27 -8.52
C TYR A 434 9.57 12.20 -8.49
N THR A 435 9.95 10.98 -8.87
CA THR A 435 9.08 9.94 -9.40
C THR A 435 9.17 8.62 -8.64
N ILE A 436 8.28 8.35 -7.69
CA ILE A 436 8.37 7.09 -6.99
C ILE A 436 7.57 6.00 -7.60
N GLY A 437 7.51 4.88 -6.92
CA GLY A 437 6.78 3.72 -7.46
C GLY A 437 5.58 3.26 -6.64
N GLY A 438 4.88 4.21 -6.03
CA GLY A 438 3.81 3.92 -5.07
C GLY A 438 2.54 3.28 -5.61
N GLY A 439 1.88 3.94 -6.55
CA GLY A 439 0.65 3.41 -7.12
C GLY A 439 -0.55 4.15 -6.58
N THR A 440 -0.45 5.48 -6.54
CA THR A 440 -1.46 6.36 -5.99
C THR A 440 -2.71 6.49 -6.86
N TYR A 441 -3.56 7.43 -6.47
CA TYR A 441 -4.76 7.74 -7.23
C TYR A 441 -4.45 8.61 -8.44
N ALA A 442 -3.36 9.37 -8.35
CA ALA A 442 -3.05 10.42 -9.33
C ALA A 442 -3.35 10.04 -10.79
N ARG A 443 -2.90 8.86 -11.22
CA ARG A 443 -3.10 8.43 -12.59
C ARG A 443 -4.56 8.32 -12.99
N ASN A 444 -5.46 8.58 -12.05
CA ASN A 444 -6.88 8.64 -12.41
C ASN A 444 -7.15 9.89 -13.23
N LEU A 445 -6.41 10.96 -12.93
CA LEU A 445 -6.48 12.19 -13.70
C LEU A 445 -5.35 12.22 -14.72
N ASP A 446 -5.62 12.79 -15.88
CA ASP A 446 -4.62 12.87 -16.95
C ASP A 446 -3.34 13.53 -16.44
N LYS A 447 -3.48 14.72 -15.86
CA LYS A 447 -2.35 15.44 -15.29
C LYS A 447 -2.31 15.21 -13.79
N GLY A 448 -2.86 14.07 -13.37
CA GLY A 448 -2.95 13.72 -11.94
C GLY A 448 -1.58 13.53 -11.32
N VAL A 449 -1.41 14.06 -10.11
CA VAL A 449 -0.12 14.02 -9.43
C VAL A 449 -0.30 13.65 -7.96
N ALA A 450 0.81 13.33 -7.29
CA ALA A 450 0.77 12.93 -5.89
C ALA A 450 1.59 13.87 -5.03
N PHE A 451 0.96 14.53 -4.09
CA PHE A 451 1.50 15.75 -3.54
C PHE A 451 1.68 15.77 -2.07
N GLY A 452 2.31 14.77 -1.55
CA GLY A 452 2.97 15.16 -0.35
C GLY A 452 2.38 14.19 0.60
N ALA A 453 2.19 14.60 1.82
CA ALA A 453 2.37 13.71 2.90
C ALA A 453 3.75 13.92 3.39
N MET A 454 4.66 13.16 2.84
CA MET A 454 5.83 12.81 3.54
C MET A 454 6.87 13.86 3.32
N PHE A 455 7.58 14.18 4.38
CA PHE A 455 8.78 15.00 4.31
C PHE A 455 10.03 14.12 4.33
N SER A 456 10.99 14.43 3.46
CA SER A 456 12.29 13.74 3.46
C SER A 456 12.74 13.55 4.90
N ASP A 457 12.21 14.43 5.73
CA ASP A 457 12.45 14.52 7.15
C ASP A 457 12.02 13.29 7.99
N SER A 458 11.07 12.48 7.50
CA SER A 458 10.39 11.51 8.39
C SER A 458 10.43 10.02 8.03
N GLU A 459 10.21 9.18 9.03
CA GLU A 459 10.25 7.73 8.87
C GLU A 459 9.07 7.23 8.04
N ASP A 460 9.37 6.61 6.89
CA ASP A 460 8.33 6.05 6.02
C ASP A 460 7.97 4.65 6.49
N LEU A 461 6.97 4.58 7.36
CA LEU A 461 6.54 3.30 7.93
C LEU A 461 5.27 2.76 7.29
N MET A 462 4.90 3.32 6.14
CA MET A 462 3.76 2.83 5.40
C MET A 462 3.79 1.29 5.31
N HIS A 463 2.65 0.67 5.54
CA HIS A 463 2.53 -0.78 5.44
C HIS A 463 3.39 -1.55 6.45
N GLN A 464 4.00 -0.83 7.38
CA GLN A 464 4.76 -1.49 8.44
C GLN A 464 4.02 -1.50 9.76
N LYS A 465 4.59 -2.16 10.75
CA LYS A 465 3.99 -2.21 12.08
C LYS A 465 4.38 -0.94 12.82
N ASN A 466 3.59 -0.57 13.82
CA ASN A 466 3.87 0.62 14.62
C ASN A 466 3.85 1.89 13.78
N GLU A 467 3.25 1.80 12.61
CA GLU A 467 3.03 2.97 11.76
C GLU A 467 2.57 4.17 12.57
N TYR A 468 3.17 5.32 12.30
CA TYR A 468 2.79 6.54 12.99
C TYR A 468 3.12 7.76 12.16
N ILE A 469 2.49 8.87 12.48
CA ILE A 469 2.79 10.12 11.86
C ILE A 469 3.11 11.14 12.94
N THR A 470 3.98 12.06 12.62
CA THR A 470 4.40 13.10 13.55
C THR A 470 3.46 14.30 13.54
N LYS A 471 3.23 14.88 14.71
CA LYS A 471 2.45 16.11 14.75
C LYS A 471 3.06 17.07 13.76
N LYS A 472 4.37 17.21 13.81
CA LYS A 472 5.09 18.10 12.90
C LYS A 472 4.64 17.93 11.44
N GLN A 473 4.88 16.75 10.89
CA GLN A 473 4.46 16.43 9.52
C GLN A 473 3.00 16.78 9.27
N LEU A 474 2.11 16.18 10.06
CA LEU A 474 0.68 16.38 9.89
C LEU A 474 0.35 17.87 9.79
N PHE A 475 0.82 18.64 10.75
CA PHE A 475 0.53 20.07 10.81
C PHE A 475 1.21 20.85 9.69
N ASN A 476 2.48 20.54 9.44
CA ASN A 476 3.19 21.20 8.34
C ASN A 476 2.62 20.81 6.99
N ALA A 477 2.09 19.59 6.88
CA ALA A 477 1.40 19.18 5.66
C ALA A 477 0.12 19.99 5.51
N THR A 478 -0.71 20.01 6.55
CA THR A 478 -1.91 20.80 6.49
C THR A 478 -1.57 22.19 5.97
N SER A 479 -0.59 22.83 6.62
CA SER A 479 -0.26 24.21 6.28
C SER A 479 0.07 24.39 4.81
N ILE A 480 0.80 23.46 4.25
CA ILE A 480 1.20 23.53 2.86
C ILE A 480 0.03 23.28 1.95
N TYR A 481 -0.84 22.35 2.33
CA TYR A 481 -2.06 22.10 1.59
C TYR A 481 -2.94 23.33 1.65
N LEU A 482 -2.85 24.06 2.75
CA LEU A 482 -3.62 25.27 2.95
C LEU A 482 -3.23 26.36 1.96
N GLU A 483 -1.94 26.68 1.90
CA GLU A 483 -1.45 27.69 0.98
C GLU A 483 -1.62 27.27 -0.48
N ALA A 484 -1.41 25.99 -0.76
CA ALA A 484 -1.52 25.48 -2.12
C ALA A 484 -2.96 25.58 -2.62
N ILE A 485 -3.90 25.13 -1.82
CA ILE A 485 -5.28 25.15 -2.23
C ILE A 485 -5.80 26.53 -2.29
N TYR A 486 -5.28 27.40 -1.47
CA TYR A 486 -5.60 28.81 -1.55
C TYR A 486 -5.11 29.39 -2.86
N SER A 487 -3.79 29.31 -3.06
CA SER A 487 -3.15 29.88 -4.23
C SER A 487 -3.95 29.53 -5.49
N LEU A 488 -4.69 28.43 -5.43
CA LEU A 488 -5.09 27.65 -6.58
C LEU A 488 -6.59 27.74 -6.82
N CYS A 489 -7.34 28.09 -5.77
CA CYS A 489 -8.80 28.12 -5.86
C CYS A 489 -9.39 29.43 -5.35
N VAL A 490 -8.57 30.23 -4.69
CA VAL A 490 -9.04 31.52 -4.18
C VAL A 490 -8.40 32.68 -4.93
N GLU A 491 -7.07 32.65 -5.01
CA GLU A 491 -6.30 33.73 -5.62
C GLU A 491 -6.28 33.66 -7.14
N GLU A 492 -6.91 34.65 -7.77
CA GLU A 492 -6.87 34.79 -9.22
C GLU A 492 -5.99 35.98 -9.59
#